data_5YSP
#
_entry.id   5YSP
#
_cell.length_a   46.673
_cell.length_b   63.009
_cell.length_c   89.884
_cell.angle_alpha   90.00
_cell.angle_beta   105.05
_cell.angle_gamma   90.00
#
_symmetry.space_group_name_H-M   'P 1 21 1'
#
loop_
_entity.id
_entity.type
_entity.pdbx_description
1 polymer TM0415
2 non-polymer 1,2,3,4,5,6-HEXAHYDROXY-CYCLOHEXANE
3 non-polymer 'METHYLENEDIPHOSPHONIC ACID'
4 non-polymer 'MAGNESIUM ION'
5 non-polymer 'SULFATE ION'
6 water water
#
_entity_poly.entity_id   1
_entity_poly.type   'polypeptide(L)'
_entity_poly.pdbx_seq_one_letter_code
;MITFIGHVSKDVNVVDGKREIAYGGGVVMGAITSSLLGVKTKVITKCTREDVSKFSFLRDNGVEVVFLKSPRTTSIENRY
GSDPDTRESFLISAADPFTESDLAFIEGEAVHINPLWYGEFPEDLIPVLRRKVMFLSADAQGFVRVPENEKLVYRDWEMK
EKYLKYLDLFKVDSREAETLTGTNDLRESCRIIRSFGAKIILATHASGVIVFDGNFYEASFRSWSLEGRTGRGDTCTAAF
LVGFVFKKMSIEKATKFAAAVTSVKMRHPGPLRREDLEAISGDQYF
;
_entity_poly.pdbx_strand_id   A,B
#
loop_
_chem_comp.id
_chem_comp.type
_chem_comp.name
_chem_comp.formula
INS non-polymer 1,2,3,4,5,6-HEXAHYDROXY-CYCLOHEXANE 'C6 H12 O6'
MDN non-polymer 'METHYLENEDIPHOSPHONIC ACID' 'C H6 O6 P2'
MG non-polymer 'MAGNESIUM ION' 'Mg 2'
SO4 non-polymer 'SULFATE ION' 'O4 S -2'
#
# COMPACT_ATOMS: atom_id res chain seq x y z
N MET A 1 3.58 31.09 11.27
CA MET A 1 4.66 30.10 11.50
C MET A 1 4.10 28.80 12.10
N ILE A 2 4.78 27.70 11.80
CA ILE A 2 4.55 26.45 12.49
C ILE A 2 5.87 25.99 13.14
N THR A 3 5.78 25.53 14.38
CA THR A 3 6.93 25.02 15.12
C THR A 3 6.73 23.53 15.39
N PHE A 4 7.75 22.75 15.08
CA PHE A 4 7.81 21.35 15.44
C PHE A 4 8.73 21.16 16.62
N ILE A 5 8.25 20.42 17.62
CA ILE A 5 9.04 20.11 18.79
C ILE A 5 9.26 18.63 18.88
N GLY A 6 10.51 18.22 18.79
CA GLY A 6 10.85 16.83 18.99
C GLY A 6 12.28 16.54 18.65
N HIS A 7 12.71 15.35 19.08
CA HIS A 7 14.08 14.93 18.93
C HIS A 7 14.39 14.56 17.47
N VAL A 8 15.55 14.99 17.00
CA VAL A 8 16.19 14.40 15.81
C VAL A 8 16.76 13.02 16.20
N SER A 9 17.01 12.17 15.20
CA SER A 9 17.50 10.83 15.48
C SER A 9 18.52 10.36 14.49
N LYS A 10 19.55 9.72 15.00
CA LYS A 10 20.40 8.87 14.18
C LYS A 10 19.66 7.53 14.06
N ASP A 11 19.05 7.32 12.90
CA ASP A 11 18.34 6.06 12.66
C ASP A 11 19.33 5.00 12.18
N VAL A 12 19.26 3.83 12.81
CA VAL A 12 20.04 2.66 12.40
C VAL A 12 19.06 1.69 11.76
N ASN A 13 19.02 1.66 10.44
CA ASN A 13 18.04 0.89 9.72
C ASN A 13 18.68 -0.42 9.30
N VAL A 14 18.07 -1.52 9.72
CA VAL A 14 18.66 -2.85 9.49
C VAL A 14 17.68 -3.63 8.61
N VAL A 15 18.11 -3.94 7.38
CA VAL A 15 17.31 -4.67 6.38
C VAL A 15 18.14 -5.87 5.93
N ASP A 16 17.61 -7.08 6.12
CA ASP A 16 18.27 -8.33 5.74
C ASP A 16 19.69 -8.40 6.29
N GLY A 17 19.86 -7.94 7.53
CA GLY A 17 21.18 -7.94 8.16
C GLY A 17 22.15 -6.85 7.71
N LYS A 18 21.67 -5.88 6.93
CA LYS A 18 22.50 -4.79 6.46
C LYS A 18 22.10 -3.56 7.24
N ARG A 19 23.07 -2.91 7.86
CA ARG A 19 22.89 -1.71 8.69
C ARG A 19 23.20 -0.47 7.86
N GLU A 20 22.24 0.47 7.80
CA GLU A 20 22.40 1.71 7.06
C GLU A 20 22.00 2.84 8.01
N ILE A 21 22.73 3.94 8.00
CA ILE A 21 22.44 5.04 8.91
C ILE A 21 21.74 6.17 8.16
N ALA A 22 20.68 6.69 8.76
CA ALA A 22 19.97 7.87 8.23
C ALA A 22 19.79 8.87 9.36
N TYR A 23 19.97 10.14 9.04
CA TYR A 23 19.76 11.19 10.05
C TYR A 23 18.42 11.77 9.77
N GLY A 24 17.50 11.56 10.71
CA GLY A 24 16.11 11.94 10.50
C GLY A 24 15.42 12.28 11.81
N GLY A 25 14.22 11.70 11.95
CA GLY A 25 13.29 11.98 13.06
C GLY A 25 11.98 12.55 12.56
N GLY A 26 10.98 12.50 13.42
CA GLY A 26 9.67 13.01 13.06
C GLY A 26 9.72 14.49 12.67
N VAL A 27 10.46 15.26 13.46
CA VAL A 27 10.53 16.67 13.21
C VAL A 27 11.21 16.99 11.90
N VAL A 28 12.20 16.19 11.50
CA VAL A 28 12.83 16.44 10.21
C VAL A 28 11.83 16.24 9.06
N MET A 29 11.13 15.10 9.09
CA MET A 29 10.14 14.80 8.07
C MET A 29 9.04 15.87 7.99
N GLY A 30 8.49 16.24 9.14
CA GLY A 30 7.38 17.20 9.19
C GLY A 30 7.83 18.60 8.83
N ALA A 31 8.96 19.04 9.37
CA ALA A 31 9.37 20.43 9.22
C ALA A 31 9.77 20.71 7.77
N ILE A 32 10.44 19.76 7.13
CA ILE A 32 10.81 19.97 5.73
C ILE A 32 9.56 20.07 4.86
N THR A 33 8.57 19.22 5.12
CA THR A 33 7.31 19.30 4.37
C THR A 33 6.69 20.69 4.45
N SER A 34 6.49 21.19 5.67
CA SER A 34 5.79 22.48 5.80
C SER A 34 6.60 23.60 5.15
N SER A 35 7.92 23.55 5.31
CA SER A 35 8.81 24.58 4.76
C SER A 35 8.75 24.60 3.24
N LEU A 36 8.89 23.42 2.63
CA LEU A 36 8.81 23.31 1.18
C LEU A 36 7.44 23.72 0.61
N LEU A 37 6.39 23.54 1.42
CA LEU A 37 5.03 23.95 1.06
C LEU A 37 4.74 25.43 1.28
N GLY A 38 5.73 26.17 1.79
CA GLY A 38 5.71 27.64 1.84
C GLY A 38 5.27 28.25 3.17
N VAL A 39 5.23 27.45 4.23
CA VAL A 39 4.88 27.95 5.55
C VAL A 39 6.18 28.14 6.33
N LYS A 40 6.36 29.31 6.93
CA LYS A 40 7.54 29.58 7.75
C LYS A 40 7.60 28.56 8.89
N THR A 41 8.74 27.86 8.99
CA THR A 41 8.85 26.70 9.85
C THR A 41 10.03 26.75 10.77
N LYS A 42 9.78 26.36 12.02
CA LYS A 42 10.80 26.27 13.05
C LYS A 42 10.82 24.88 13.70
N VAL A 43 12.01 24.41 14.06
CA VAL A 43 12.20 23.18 14.81
C VAL A 43 12.86 23.51 16.12
N ILE A 44 12.33 22.96 17.21
CA ILE A 44 13.02 22.96 18.48
C ILE A 44 13.42 21.51 18.77
N THR A 45 14.72 21.26 18.88
CA THR A 45 15.21 19.90 19.07
C THR A 45 16.38 19.84 20.05
N LYS A 46 16.80 18.62 20.39
CA LYS A 46 17.98 18.40 21.19
C LYS A 46 18.88 17.33 20.55
N CYS A 47 20.17 17.52 20.71
CA CYS A 47 21.19 16.55 20.28
C CYS A 47 22.54 17.03 20.77
N THR A 48 23.58 16.22 20.61
CA THR A 48 24.93 16.67 20.97
C THR A 48 25.42 17.74 20.01
N ARG A 49 26.34 18.58 20.47
CA ARG A 49 26.94 19.59 19.58
C ARG A 49 27.60 18.91 18.39
N GLU A 50 28.26 17.79 18.66
CA GLU A 50 28.96 17.03 17.64
C GLU A 50 28.05 16.59 16.50
N ASP A 51 26.79 16.29 16.80
CA ASP A 51 25.85 15.77 15.78
C ASP A 51 25.08 16.84 15.03
N VAL A 52 25.21 18.10 15.47
CA VAL A 52 24.49 19.21 14.78
C VAL A 52 24.73 19.22 13.28
N SER A 53 25.97 18.96 12.83
CA SER A 53 26.27 19.02 11.38
C SER A 53 25.59 17.92 10.57
N LYS A 54 25.16 16.86 11.23
CA LYS A 54 24.38 15.82 10.55
C LYS A 54 22.97 16.27 10.18
N PHE A 55 22.49 17.34 10.80
CA PHE A 55 21.12 17.83 10.63
C PHE A 55 21.08 19.23 10.03
N SER A 56 22.22 19.67 9.50
CA SER A 56 22.35 21.00 8.83
C SER A 56 21.45 21.15 7.62
N PHE A 57 21.12 20.02 6.98
CA PHE A 57 20.21 20.03 5.85
C PHE A 57 18.83 20.64 6.17
N LEU A 58 18.43 20.68 7.44
CA LEU A 58 17.21 21.40 7.79
C LEU A 58 17.26 22.84 7.34
N ARG A 59 18.31 23.56 7.73
N ARG A 59 18.31 23.56 7.72
CA ARG A 59 18.48 24.96 7.33
CA ARG A 59 18.46 24.94 7.31
C ARG A 59 18.56 25.13 5.80
C ARG A 59 18.52 25.10 5.79
N ASP A 60 19.12 24.13 5.10
CA ASP A 60 19.17 24.12 3.62
C ASP A 60 17.79 24.05 2.95
N ASN A 61 16.81 23.55 3.70
CA ASN A 61 15.41 23.50 3.30
C ASN A 61 14.53 24.59 3.93
N GLY A 62 15.13 25.69 4.36
CA GLY A 62 14.37 26.85 4.90
C GLY A 62 13.91 26.79 6.36
N VAL A 63 14.26 25.73 7.07
CA VAL A 63 13.77 25.49 8.43
C VAL A 63 14.68 26.23 9.40
N GLU A 64 14.11 27.07 10.25
CA GLU A 64 14.84 27.62 11.38
C GLU A 64 14.95 26.58 12.48
N VAL A 65 16.16 26.27 12.92
CA VAL A 65 16.37 25.22 13.94
C VAL A 65 17.01 25.76 15.20
N VAL A 66 16.44 25.40 16.34
CA VAL A 66 17.03 25.64 17.63
C VAL A 66 17.55 24.31 18.13
N PHE A 67 18.88 24.20 18.17
CA PHE A 67 19.54 22.98 18.64
C PHE A 67 19.87 23.12 20.13
N LEU A 68 19.03 22.58 21.00
CA LEU A 68 19.23 22.67 22.41
C LEU A 68 20.20 21.65 22.94
N LYS A 69 20.82 21.99 24.07
CA LYS A 69 21.91 21.19 24.69
C LYS A 69 21.46 19.84 25.19
N SER A 70 22.20 18.79 24.79
CA SER A 70 22.00 17.47 25.32
C SER A 70 23.32 16.68 25.32
N PRO A 71 23.57 15.87 26.36
CA PRO A 71 24.80 15.06 26.35
C PRO A 71 24.78 13.90 25.36
N ARG A 72 23.57 13.51 24.93
CA ARG A 72 23.37 12.45 23.97
C ARG A 72 22.44 12.87 22.84
N THR A 73 22.58 12.17 21.72
CA THR A 73 21.64 12.28 20.61
C THR A 73 20.78 11.05 20.58
N THR A 74 19.48 11.21 20.35
CA THR A 74 18.59 10.07 20.22
C THR A 74 18.98 9.22 19.01
N SER A 75 18.99 7.90 19.20
CA SER A 75 19.27 7.00 18.13
C SER A 75 18.35 5.83 18.29
N ILE A 76 17.69 5.47 17.18
CA ILE A 76 16.72 4.42 17.15
C ILE A 76 17.15 3.42 16.07
N GLU A 77 17.16 2.15 16.46
CA GLU A 77 17.31 1.05 15.48
C GLU A 77 15.95 0.56 15.00
N ASN A 78 15.77 0.50 13.67
CA ASN A 78 14.56 0.01 13.06
C ASN A 78 14.89 -1.26 12.31
N ARG A 79 14.23 -2.36 12.70
CA ARG A 79 14.36 -3.65 11.99
C ARG A 79 13.05 -3.92 11.21
N TYR A 80 13.15 -4.14 9.90
CA TYR A 80 11.96 -4.22 9.03
C TYR A 80 11.59 -5.65 8.66
N ARG A 87 8.29 -4.36 11.52
CA ARG A 87 8.31 -2.96 11.96
C ARG A 87 8.69 -2.78 13.46
N GLU A 88 9.86 -3.28 13.89
CA GLU A 88 10.28 -3.22 15.32
C GLU A 88 11.40 -2.24 15.53
N SER A 89 11.31 -1.46 16.60
CA SER A 89 12.29 -0.42 16.87
C SER A 89 12.85 -0.49 18.28
N PHE A 90 14.06 0.04 18.44
CA PHE A 90 14.80 0.00 19.69
C PHE A 90 15.40 1.36 19.93
N LEU A 91 15.25 1.87 21.15
CA LEU A 91 15.84 3.15 21.54
C LEU A 91 17.25 2.90 22.07
N ILE A 92 18.23 3.16 21.22
CA ILE A 92 19.63 2.85 21.55
CA ILE A 92 19.65 2.88 21.53
C ILE A 92 20.18 3.91 22.53
N SER A 93 19.89 5.16 22.23
N SER A 93 19.93 5.18 22.24
CA SER A 93 20.35 6.32 23.00
CA SER A 93 20.31 6.28 23.11
C SER A 93 19.23 7.36 23.02
C SER A 93 19.19 7.30 23.08
N ALA A 94 19.14 8.16 24.08
CA ALA A 94 18.08 9.17 24.16
C ALA A 94 18.63 10.49 24.59
N ALA A 95 18.37 11.51 23.78
CA ALA A 95 18.62 12.89 24.18
C ALA A 95 17.77 13.27 25.39
N ASP A 96 18.18 14.34 26.06
CA ASP A 96 17.40 14.84 27.18
C ASP A 96 15.96 15.16 26.78
N PRO A 97 15.04 14.86 27.67
CA PRO A 97 13.66 15.28 27.43
C PRO A 97 13.49 16.81 27.42
N PHE A 98 12.40 17.24 26.81
CA PHE A 98 11.99 18.64 26.84
C PHE A 98 11.48 18.98 28.22
N THR A 99 11.69 20.24 28.60
CA THR A 99 11.17 20.80 29.85
C THR A 99 10.39 22.08 29.51
N GLU A 100 9.69 22.59 30.51
CA GLU A 100 8.83 23.78 30.32
C GLU A 100 9.58 25.00 29.74
N SER A 101 10.81 25.22 30.19
CA SER A 101 11.57 26.37 29.75
C SER A 101 11.94 26.31 28.27
N ASP A 102 12.00 25.09 27.72
CA ASP A 102 12.26 24.94 26.30
C ASP A 102 11.14 25.54 25.43
N LEU A 103 9.96 25.77 26.03
CA LEU A 103 8.82 26.32 25.34
C LEU A 103 8.77 27.84 25.36
N ALA A 104 9.78 28.49 25.93
CA ALA A 104 9.62 29.89 26.35
C ALA A 104 9.48 30.88 25.19
N PHE A 105 10.03 30.55 24.01
CA PHE A 105 10.05 31.45 22.85
C PHE A 105 9.02 31.07 21.74
N ILE A 106 8.00 30.29 22.11
CA ILE A 106 7.01 29.81 21.13
C ILE A 106 6.21 30.96 20.50
N GLU A 107 6.20 30.97 19.16
CA GLU A 107 5.49 31.97 18.36
C GLU A 107 4.57 31.22 17.39
N GLY A 108 3.97 31.93 16.45
CA GLY A 108 3.25 31.27 15.37
C GLY A 108 1.88 30.74 15.71
N GLU A 109 1.17 30.37 14.66
CA GLU A 109 -0.20 29.93 14.75
C GLU A 109 -0.31 28.47 15.18
N ALA A 110 0.75 27.68 14.96
CA ALA A 110 0.63 26.25 15.11
C ALA A 110 1.89 25.64 15.75
N VAL A 111 1.69 24.69 16.67
CA VAL A 111 2.79 23.85 17.19
C VAL A 111 2.41 22.39 17.11
N HIS A 112 3.34 21.58 16.58
CA HIS A 112 3.17 20.14 16.52
C HIS A 112 4.18 19.45 17.45
N ILE A 113 3.67 18.68 18.40
CA ILE A 113 4.46 17.88 19.36
C ILE A 113 4.73 16.56 18.66
N ASN A 114 6.01 16.27 18.40
CA ASN A 114 6.39 15.17 17.49
C ASN A 114 7.48 14.30 18.13
N PRO A 115 7.14 13.60 19.22
CA PRO A 115 8.19 12.86 19.92
C PRO A 115 8.38 11.46 19.39
N LEU A 116 9.56 10.92 19.64
CA LEU A 116 9.90 9.58 19.20
C LEU A 116 9.67 8.46 20.24
N TRP A 117 9.56 8.84 21.52
CA TRP A 117 9.51 7.87 22.61
C TRP A 117 8.80 8.52 23.79
N TYR A 118 8.00 7.74 24.49
CA TYR A 118 7.26 8.26 25.65
C TYR A 118 8.23 8.62 26.78
N GLY A 119 8.20 9.88 27.19
CA GLY A 119 9.13 10.46 28.17
C GLY A 119 9.93 11.58 27.53
N GLU A 120 10.06 11.59 26.20
CA GLU A 120 10.70 12.69 25.48
C GLU A 120 10.00 14.05 25.75
N PHE A 121 8.68 14.04 25.78
CA PHE A 121 7.85 15.25 25.93
C PHE A 121 6.89 14.99 27.06
N PRO A 122 7.31 15.34 28.29
CA PRO A 122 6.45 15.07 29.43
C PRO A 122 5.05 15.68 29.26
N GLU A 123 4.02 14.91 29.62
CA GLU A 123 2.62 15.36 29.50
C GLU A 123 2.34 16.68 30.18
N ASP A 124 3.04 16.99 31.27
CA ASP A 124 2.88 18.31 31.94
C ASP A 124 3.14 19.49 31.02
N LEU A 125 3.92 19.30 29.96
CA LEU A 125 4.16 20.38 29.02
C LEU A 125 2.95 20.70 28.17
N ILE A 126 2.02 19.76 28.02
CA ILE A 126 0.87 19.97 27.15
C ILE A 126 0.02 21.19 27.55
N PRO A 127 -0.41 21.28 28.84
CA PRO A 127 -1.18 22.45 29.25
C PRO A 127 -0.43 23.79 29.18
N VAL A 128 0.88 23.73 29.37
CA VAL A 128 1.74 24.90 29.30
C VAL A 128 1.78 25.40 27.88
N LEU A 129 1.99 24.48 26.94
CA LEU A 129 2.05 24.83 25.53
C LEU A 129 0.69 25.30 25.00
N ARG A 130 -0.40 24.66 25.46
CA ARG A 130 -1.75 25.04 25.05
C ARG A 130 -2.00 26.55 25.13
N ARG A 131 -1.50 27.17 26.19
CA ARG A 131 -1.71 28.58 26.46
C ARG A 131 -0.95 29.53 25.54
N LYS A 132 -0.03 29.00 24.76
CA LYS A 132 0.86 29.76 23.92
C LYS A 132 0.51 29.70 22.44
N VAL A 133 -0.38 28.82 22.00
CA VAL A 133 -0.60 28.64 20.58
C VAL A 133 -2.09 28.47 20.22
N MET A 134 -2.47 28.88 19.02
CA MET A 134 -3.86 28.79 18.57
C MET A 134 -4.22 27.37 18.09
N PHE A 135 -3.27 26.66 17.48
CA PHE A 135 -3.52 25.31 16.97
C PHE A 135 -2.43 24.39 17.49
N LEU A 136 -2.81 23.48 18.38
CA LEU A 136 -1.89 22.52 19.00
C LEU A 136 -2.15 21.11 18.51
N SER A 137 -1.11 20.41 18.06
CA SER A 137 -1.28 19.05 17.59
C SER A 137 -0.17 18.18 18.17
N ALA A 138 -0.43 16.87 18.15
CA ALA A 138 0.54 15.92 18.64
C ALA A 138 0.44 14.60 17.93
N ASP A 139 1.59 13.90 17.94
CA ASP A 139 1.71 12.57 17.39
C ASP A 139 1.68 11.50 18.50
N ALA A 140 0.80 10.50 18.34
CA ALA A 140 0.62 9.46 19.34
C ALA A 140 1.87 8.67 19.64
N GLN A 141 2.76 8.55 18.66
CA GLN A 141 4.04 7.86 18.86
C GLN A 141 4.72 8.30 20.16
N GLY A 142 4.67 9.58 20.42
CA GLY A 142 5.32 10.13 21.63
C GLY A 142 4.68 9.78 22.97
N PHE A 143 3.53 9.12 22.95
CA PHE A 143 2.81 8.77 24.17
C PHE A 143 2.47 7.28 24.32
N VAL A 144 2.61 6.49 23.25
CA VAL A 144 2.36 5.05 23.31
C VAL A 144 3.58 4.18 23.04
N ARG A 145 4.66 4.76 22.48
CA ARG A 145 5.84 3.97 22.19
C ARG A 145 6.88 4.12 23.31
N VAL A 146 7.04 3.07 24.12
CA VAL A 146 7.70 3.14 25.41
C VAL A 146 8.93 2.22 25.44
N PRO A 147 10.11 2.76 25.80
CA PRO A 147 11.32 1.93 25.89
C PRO A 147 11.25 0.98 27.08
N GLU A 148 11.41 -0.30 26.81
CA GLU A 148 11.50 -1.32 27.85
C GLU A 148 12.68 -2.21 27.48
N ASN A 149 13.77 -2.07 28.23
CA ASN A 149 15.06 -2.68 27.87
C ASN A 149 15.40 -2.34 26.41
N GLU A 150 15.31 -1.04 26.10
CA GLU A 150 15.45 -0.48 24.75
C GLU A 150 14.37 -0.77 23.75
N LYS A 151 13.74 -1.94 23.81
CA LYS A 151 12.71 -2.28 22.85
CA LYS A 151 12.70 -2.28 22.84
C LYS A 151 11.59 -1.26 23.01
N LEU A 152 11.17 -0.67 21.89
CA LEU A 152 10.08 0.30 21.91
C LEU A 152 8.78 -0.50 21.79
N VAL A 153 8.10 -0.62 22.92
CA VAL A 153 6.90 -1.42 23.03
C VAL A 153 5.71 -0.49 22.98
N TYR A 154 4.55 -1.00 22.53
CA TYR A 154 3.34 -0.16 22.47
C TYR A 154 2.51 -0.36 23.72
N ARG A 155 2.27 0.73 24.45
CA ARG A 155 1.47 0.72 25.65
C ARG A 155 0.44 1.80 25.61
N ASP A 156 -0.71 1.51 26.19
CA ASP A 156 -1.75 2.50 26.28
C ASP A 156 -1.25 3.76 27.01
N TRP A 157 -1.81 4.90 26.59
CA TRP A 157 -1.49 6.20 27.17
C TRP A 157 -2.42 6.41 28.33
N GLU A 158 -1.91 6.20 29.53
CA GLU A 158 -2.77 6.19 30.72
C GLU A 158 -3.59 7.44 30.92
N MET A 159 -3.00 8.60 30.65
N MET A 159 -2.99 8.60 30.66
CA MET A 159 -3.70 9.87 30.85
CA MET A 159 -3.68 9.89 30.84
C MET A 159 -4.21 10.48 29.55
C MET A 159 -4.23 10.48 29.55
N LYS A 160 -4.51 9.63 28.55
CA LYS A 160 -5.06 10.11 27.29
C LYS A 160 -6.33 10.96 27.44
N GLU A 161 -7.23 10.59 28.36
CA GLU A 161 -8.49 11.31 28.51
C GLU A 161 -8.26 12.72 29.06
N LYS A 162 -7.26 12.88 29.93
CA LYS A 162 -6.91 14.22 30.40
C LYS A 162 -6.32 15.09 29.29
N TYR A 163 -5.33 14.57 28.57
CA TYR A 163 -4.56 15.41 27.64
C TYR A 163 -5.09 15.57 26.22
N LEU A 164 -5.85 14.61 25.71
CA LEU A 164 -6.40 14.71 24.34
C LEU A 164 -7.30 15.92 24.16
N LYS A 165 -7.99 16.30 25.23
CA LYS A 165 -8.84 17.48 25.21
C LYS A 165 -8.08 18.80 24.96
N TYR A 166 -6.76 18.82 25.18
CA TYR A 166 -5.93 19.97 24.82
C TYR A 166 -5.56 20.08 23.33
N LEU A 167 -5.85 19.06 22.53
CA LEU A 167 -5.33 18.99 21.17
C LEU A 167 -6.36 19.27 20.11
N ASP A 168 -5.98 20.15 19.19
CA ASP A 168 -6.80 20.44 18.01
C ASP A 168 -6.69 19.32 17.00
N LEU A 169 -5.54 18.67 16.95
CA LEU A 169 -5.36 17.53 16.08
C LEU A 169 -4.47 16.47 16.75
N PHE A 170 -4.80 15.20 16.55
CA PHE A 170 -4.02 14.08 17.10
C PHE A 170 -3.79 13.09 15.98
N LYS A 171 -2.50 12.76 15.79
CA LYS A 171 -2.03 11.89 14.72
C LYS A 171 -1.78 10.45 15.23
N VAL A 172 -2.36 9.47 14.55
CA VAL A 172 -2.16 8.06 14.86
C VAL A 172 -1.84 7.30 13.59
N ASP A 173 -1.20 6.16 13.75
CA ASP A 173 -1.19 5.14 12.72
C ASP A 173 -1.98 3.92 13.22
N SER A 174 -2.06 2.87 12.42
CA SER A 174 -2.86 1.70 12.81
C SER A 174 -2.50 1.10 14.18
N ARG A 175 -1.22 0.87 14.35
CA ARG A 175 -0.74 0.24 15.56
C ARG A 175 -0.97 1.12 16.78
N GLU A 176 -0.75 2.43 16.66
CA GLU A 176 -1.00 3.35 17.78
C GLU A 176 -2.50 3.42 18.12
N ALA A 177 -3.33 3.48 17.07
CA ALA A 177 -4.78 3.54 17.27
C ALA A 177 -5.26 2.30 18.01
N GLU A 178 -4.80 1.11 17.62
CA GLU A 178 -5.20 -0.14 18.29
C GLU A 178 -4.75 -0.16 19.74
N THR A 179 -3.56 0.37 19.99
CA THR A 179 -3.02 0.42 21.34
C THR A 179 -3.91 1.24 22.26
N LEU A 180 -4.41 2.36 21.72
CA LEU A 180 -5.25 3.30 22.46
C LEU A 180 -6.70 2.87 22.62
N THR A 181 -7.17 1.94 21.78
CA THR A 181 -8.60 1.59 21.75
C THR A 181 -8.95 0.09 21.92
N GLY A 182 -7.97 -0.80 21.76
CA GLY A 182 -8.23 -2.23 21.71
C GLY A 182 -8.83 -2.78 20.44
N THR A 183 -9.08 -1.94 19.44
CA THR A 183 -9.66 -2.40 18.17
C THR A 183 -8.75 -2.07 16.99
N ASN A 184 -8.68 -2.99 16.03
CA ASN A 184 -7.95 -2.76 14.79
C ASN A 184 -8.83 -2.20 13.66
N ASP A 185 -10.08 -1.86 13.95
CA ASP A 185 -10.92 -1.12 13.02
C ASP A 185 -10.52 0.35 13.15
N LEU A 186 -9.86 0.87 12.12
CA LEU A 186 -9.26 2.20 12.21
C LEU A 186 -10.33 3.29 12.31
N ARG A 187 -11.43 3.14 11.57
CA ARG A 187 -12.51 4.12 11.66
C ARG A 187 -13.14 4.10 13.07
N GLU A 188 -13.41 2.90 13.58
CA GLU A 188 -13.89 2.79 14.95
C GLU A 188 -12.94 3.38 15.98
N SER A 189 -11.64 3.14 15.81
N SER A 189 -11.64 3.14 15.82
CA SER A 189 -10.64 3.72 16.70
CA SER A 189 -10.67 3.71 16.75
C SER A 189 -10.75 5.23 16.71
C SER A 189 -10.69 5.24 16.71
N CYS A 190 -10.94 5.82 15.53
CA CYS A 190 -11.11 7.30 15.41
C CYS A 190 -12.29 7.80 16.21
N ARG A 191 -13.43 7.12 16.10
N ARG A 191 -13.42 7.11 16.09
CA ARG A 191 -14.60 7.44 16.92
CA ARG A 191 -14.62 7.42 16.91
C ARG A 191 -14.26 7.39 18.41
C ARG A 191 -14.33 7.35 18.41
N ILE A 192 -13.56 6.34 18.83
CA ILE A 192 -13.22 6.15 20.24
C ILE A 192 -12.25 7.22 20.73
N ILE A 193 -11.24 7.49 19.92
CA ILE A 193 -10.24 8.49 20.30
C ILE A 193 -10.88 9.89 20.36
N ARG A 194 -11.77 10.22 19.43
CA ARG A 194 -12.48 11.51 19.52
C ARG A 194 -13.33 11.60 20.78
N SER A 195 -13.91 10.47 21.19
CA SER A 195 -14.67 10.38 22.45
C SER A 195 -13.83 10.66 23.70
N PHE A 196 -12.52 10.37 23.62
CA PHE A 196 -11.58 10.72 24.69
C PHE A 196 -11.27 12.22 24.76
N GLY A 197 -11.58 12.98 23.72
CA GLY A 197 -11.46 14.45 23.74
C GLY A 197 -10.73 15.14 22.59
N ALA A 198 -10.06 14.40 21.70
CA ALA A 198 -9.32 15.07 20.62
C ALA A 198 -10.29 15.51 19.52
N LYS A 199 -10.10 16.73 19.03
CA LYS A 199 -11.08 17.39 18.16
C LYS A 199 -11.05 16.86 16.74
N ILE A 200 -9.84 16.64 16.24
CA ILE A 200 -9.62 16.09 14.92
C ILE A 200 -8.62 14.94 15.07
N ILE A 201 -8.92 13.79 14.46
CA ILE A 201 -7.99 12.66 14.37
C ILE A 201 -7.51 12.51 12.92
N LEU A 202 -6.18 12.37 12.75
CA LEU A 202 -5.60 12.06 11.44
C LEU A 202 -4.93 10.72 11.59
N ALA A 203 -5.34 9.77 10.78
CA ALA A 203 -4.89 8.39 10.87
C ALA A 203 -4.31 7.98 9.52
N THR A 204 -3.08 7.49 9.54
CA THR A 204 -2.47 6.93 8.36
C THR A 204 -2.46 5.42 8.48
N HIS A 205 -2.62 4.77 7.34
CA HIS A 205 -2.50 3.32 7.22
C HIS A 205 -1.94 3.01 5.84
N ALA A 206 -1.76 1.73 5.51
CA ALA A 206 -1.04 1.36 4.27
C ALA A 206 -1.53 2.10 3.02
N SER A 207 -2.85 2.15 2.84
CA SER A 207 -3.46 2.64 1.60
C SER A 207 -3.77 4.14 1.55
N GLY A 208 -3.79 4.84 2.69
CA GLY A 208 -4.07 6.28 2.64
C GLY A 208 -4.29 6.94 3.96
N VAL A 209 -5.08 8.01 3.94
CA VAL A 209 -5.30 8.87 5.09
C VAL A 209 -6.77 8.91 5.45
N ILE A 210 -7.03 8.92 6.76
CA ILE A 210 -8.37 9.07 7.29
C ILE A 210 -8.33 10.25 8.23
N VAL A 211 -9.23 11.20 8.05
CA VAL A 211 -9.37 12.31 8.96
C VAL A 211 -10.78 12.20 9.54
N PHE A 212 -10.90 12.36 10.86
CA PHE A 212 -12.20 12.30 11.54
C PHE A 212 -12.38 13.50 12.44
N ASP A 213 -13.45 14.27 12.23
CA ASP A 213 -13.83 15.36 13.13
C ASP A 213 -15.29 15.22 13.60
N GLY A 214 -15.83 14.01 13.55
CA GLY A 214 -17.30 13.77 13.63
C GLY A 214 -17.85 13.28 12.31
N ASN A 215 -17.24 13.72 11.21
CA ASN A 215 -17.42 13.13 9.89
C ASN A 215 -16.08 12.56 9.44
N PHE A 216 -16.12 11.55 8.57
CA PHE A 216 -14.92 10.95 8.01
C PHE A 216 -14.60 11.53 6.64
N TYR A 217 -13.31 11.75 6.41
CA TYR A 217 -12.78 12.13 5.12
C TYR A 217 -11.64 11.17 4.86
N GLU A 218 -11.62 10.59 3.66
CA GLU A 218 -10.56 9.66 3.27
C GLU A 218 -9.94 10.02 1.93
N ALA A 219 -8.63 9.86 1.81
CA ALA A 219 -7.91 9.94 0.53
C ALA A 219 -6.85 8.86 0.49
N SER A 220 -6.71 8.18 -0.66
CA SER A 220 -5.73 7.11 -0.84
C SER A 220 -4.41 7.63 -1.38
N PHE A 221 -3.33 6.95 -1.03
CA PHE A 221 -2.04 7.27 -1.63
C PHE A 221 -2.00 6.78 -3.08
N ARG A 222 -1.33 7.56 -3.91
CA ARG A 222 -1.19 7.29 -5.34
C ARG A 222 0.14 6.63 -5.70
N SER A 223 1.10 6.64 -4.78
CA SER A 223 2.38 5.98 -4.98
C SER A 223 3.05 5.66 -3.65
N TRP A 224 3.98 4.72 -3.70
CA TRP A 224 4.56 4.13 -2.50
C TRP A 224 5.84 3.40 -2.87
N SER A 225 6.76 3.33 -1.91
CA SER A 225 7.91 2.45 -2.00
C SER A 225 8.31 1.94 -0.62
N LEU A 226 9.01 0.82 -0.62
CA LEU A 226 9.50 0.19 0.60
C LEU A 226 10.35 1.22 1.38
N GLU A 227 11.40 1.72 0.74
CA GLU A 227 12.31 2.70 1.36
C GLU A 227 11.66 4.06 1.68
N GLY A 228 10.57 4.39 1.00
CA GLY A 228 9.87 5.63 1.23
C GLY A 228 8.87 5.70 2.37
N ARG A 229 8.55 4.59 3.02
CA ARG A 229 7.44 4.59 3.99
C ARG A 229 7.77 5.31 5.32
N THR A 230 9.02 5.26 5.77
CA THR A 230 9.42 5.96 7.00
C THR A 230 9.22 7.46 6.81
N GLY A 231 8.53 8.09 7.76
CA GLY A 231 8.12 9.47 7.61
C GLY A 231 6.87 9.78 6.81
N ARG A 232 6.17 8.75 6.35
CA ARG A 232 4.83 8.85 5.75
C ARG A 232 3.92 9.68 6.62
N GLY A 233 3.81 9.30 7.89
CA GLY A 233 2.84 9.91 8.79
C GLY A 233 3.21 11.34 9.11
N ASP A 234 4.49 11.56 9.36
CA ASP A 234 4.98 12.92 9.67
C ASP A 234 4.81 13.87 8.52
N THR A 235 5.06 13.37 7.32
CA THR A 235 4.81 14.13 6.11
C THR A 235 3.34 14.46 5.96
N CYS A 236 2.50 13.44 6.13
CA CYS A 236 1.06 13.60 5.98
C CYS A 236 0.50 14.63 6.98
N THR A 237 0.97 14.56 8.21
CA THR A 237 0.51 15.46 9.26
C THR A 237 0.88 16.89 8.90
N ALA A 238 2.14 17.11 8.52
CA ALA A 238 2.61 18.44 8.16
C ALA A 238 1.83 19.01 6.98
N ALA A 239 1.62 18.19 5.95
CA ALA A 239 0.90 18.62 4.77
C ALA A 239 -0.57 18.94 5.10
N PHE A 240 -1.21 18.12 5.94
CA PHE A 240 -2.57 18.45 6.40
C PHE A 240 -2.62 19.79 7.15
N LEU A 241 -1.67 19.98 8.07
CA LEU A 241 -1.60 21.24 8.84
C LEU A 241 -1.43 22.46 7.93
N VAL A 242 -0.56 22.34 6.94
CA VAL A 242 -0.36 23.41 5.96
C VAL A 242 -1.68 23.70 5.25
N GLY A 243 -2.30 22.65 4.72
CA GLY A 243 -3.52 22.81 3.93
C GLY A 243 -4.68 23.38 4.72
N PHE A 244 -4.88 22.87 5.93
CA PHE A 244 -6.07 23.18 6.73
C PHE A 244 -5.88 24.45 7.56
N VAL A 245 -4.74 24.57 8.25
CA VAL A 245 -4.50 25.67 9.18
C VAL A 245 -4.02 26.92 8.46
N PHE A 246 -3.16 26.76 7.46
CA PHE A 246 -2.50 27.92 6.82
C PHE A 246 -3.08 28.29 5.43
N LYS A 247 -3.43 27.30 4.61
CA LYS A 247 -3.94 27.57 3.26
C LYS A 247 -5.47 27.68 3.20
N LYS A 248 -6.15 27.50 4.35
CA LYS A 248 -7.58 27.70 4.47
C LYS A 248 -8.40 26.71 3.64
N MET A 249 -7.86 25.50 3.43
CA MET A 249 -8.60 24.46 2.72
C MET A 249 -9.69 23.90 3.62
N SER A 250 -10.81 23.46 3.02
CA SER A 250 -11.78 22.65 3.74
C SER A 250 -11.10 21.40 4.27
N ILE A 251 -11.65 20.80 5.33
CA ILE A 251 -11.07 19.56 5.86
C ILE A 251 -11.00 18.48 4.77
N GLU A 252 -11.99 18.41 3.87
CA GLU A 252 -11.98 17.40 2.79
C GLU A 252 -10.84 17.64 1.77
N LYS A 253 -10.63 18.90 1.38
CA LYS A 253 -9.57 19.25 0.45
C LYS A 253 -8.18 19.05 1.06
N ALA A 254 -8.00 19.49 2.29
CA ALA A 254 -6.75 19.30 3.06
C ALA A 254 -6.40 17.82 3.23
N THR A 255 -7.41 16.97 3.40
CA THR A 255 -7.20 15.52 3.44
C THR A 255 -6.61 14.98 2.10
N LYS A 256 -7.18 15.37 0.97
CA LYS A 256 -6.69 14.95 -0.36
C LYS A 256 -5.30 15.50 -0.60
N PHE A 257 -5.09 16.75 -0.20
CA PHE A 257 -3.80 17.43 -0.34
C PHE A 257 -2.70 16.70 0.44
N ALA A 258 -3.00 16.37 1.69
CA ALA A 258 -2.05 15.63 2.52
C ALA A 258 -1.70 14.28 1.89
N ALA A 259 -2.70 13.57 1.35
CA ALA A 259 -2.43 12.30 0.67
C ALA A 259 -1.54 12.46 -0.55
N ALA A 260 -1.77 13.50 -1.35
CA ALA A 260 -0.99 13.78 -2.57
C ALA A 260 0.50 14.07 -2.24
N VAL A 261 0.70 14.91 -1.23
CA VAL A 261 2.05 15.28 -0.80
C VAL A 261 2.77 14.05 -0.24
N THR A 262 2.07 13.25 0.56
CA THR A 262 2.64 12.03 1.11
C THR A 262 3.03 11.05 0.02
N SER A 263 2.15 10.85 -0.95
CA SER A 263 2.42 9.92 -2.06
C SER A 263 3.76 10.18 -2.75
N VAL A 264 4.02 11.45 -3.06
CA VAL A 264 5.22 11.82 -3.80
C VAL A 264 6.46 11.69 -2.91
N LYS A 265 6.34 12.01 -1.63
CA LYS A 265 7.46 11.76 -0.69
C LYS A 265 7.78 10.26 -0.58
N MET A 266 6.75 9.43 -0.60
CA MET A 266 6.91 7.97 -0.41
C MET A 266 7.59 7.26 -1.59
N ARG A 267 7.85 8.00 -2.66
CA ARG A 267 8.56 7.48 -3.82
C ARG A 267 10.05 7.27 -3.55
N HIS A 268 10.57 7.85 -2.47
CA HIS A 268 11.99 7.79 -2.18
C HIS A 268 12.28 7.82 -0.68
N PRO A 269 13.49 7.42 -0.28
CA PRO A 269 13.88 7.59 1.12
C PRO A 269 14.05 9.06 1.46
N GLY A 270 13.94 9.37 2.73
CA GLY A 270 14.19 10.70 3.25
C GLY A 270 13.00 11.63 3.16
N PRO A 271 13.20 12.89 3.59
CA PRO A 271 12.11 13.84 3.57
C PRO A 271 11.67 14.26 2.19
N LEU A 272 10.49 14.85 2.13
CA LEU A 272 10.00 15.52 0.92
C LEU A 272 11.10 16.38 0.27
N ARG A 273 11.19 16.31 -1.06
CA ARG A 273 12.13 17.11 -1.85
C ARG A 273 11.38 18.16 -2.67
N ARG A 274 12.01 19.30 -2.94
CA ARG A 274 11.38 20.35 -3.78
C ARG A 274 10.77 19.83 -5.08
N GLU A 275 11.50 18.96 -5.76
CA GLU A 275 11.06 18.35 -7.04
C GLU A 275 9.80 17.48 -6.90
N ASP A 276 9.58 16.92 -5.71
CA ASP A 276 8.34 16.17 -5.47
C ASP A 276 7.10 17.01 -5.73
N LEU A 277 7.13 18.28 -5.33
CA LEU A 277 5.96 19.17 -5.46
C LEU A 277 5.62 19.51 -6.90
N GLU A 278 6.55 19.27 -7.83
CA GLU A 278 6.27 19.32 -9.27
C GLU A 278 5.60 18.05 -9.84
N ALA A 279 5.29 17.07 -9.00
CA ALA A 279 4.60 15.85 -9.41
C ALA A 279 3.22 15.70 -8.75
N ILE A 280 2.74 16.74 -8.07
CA ILE A 280 1.49 16.68 -7.29
C ILE A 280 0.48 17.66 -7.88
N MET B 1 5.31 -25.75 -21.74
CA MET B 1 4.71 -24.41 -21.87
C MET B 1 3.49 -24.24 -20.95
N ILE B 2 3.00 -23.01 -20.89
CA ILE B 2 1.82 -22.65 -20.13
C ILE B 2 0.78 -22.09 -21.10
N THR B 3 -0.49 -22.38 -20.84
CA THR B 3 -1.59 -21.76 -21.58
C THR B 3 -2.42 -20.94 -20.61
N PHE B 4 -2.70 -19.70 -20.99
CA PHE B 4 -3.65 -18.87 -20.28
C PHE B 4 -4.94 -18.86 -21.08
N ILE B 5 -6.08 -18.98 -20.39
CA ILE B 5 -7.39 -18.94 -21.02
C ILE B 5 -8.16 -17.78 -20.41
N GLY B 6 -8.54 -16.84 -21.25
CA GLY B 6 -9.27 -15.66 -20.74
C GLY B 6 -9.52 -14.63 -21.80
N HIS B 7 -10.53 -13.80 -21.55
CA HIS B 7 -10.85 -12.72 -22.47
C HIS B 7 -9.84 -11.63 -22.45
N VAL B 8 -9.50 -11.16 -23.62
CA VAL B 8 -8.88 -9.84 -23.79
C VAL B 8 -9.96 -8.79 -23.54
N SER B 9 -9.56 -7.58 -23.21
CA SER B 9 -10.52 -6.53 -22.91
C SER B 9 -10.09 -5.15 -23.43
N LYS B 10 -11.08 -4.41 -23.95
CA LYS B 10 -10.94 -3.00 -24.27
C LYS B 10 -11.30 -2.28 -22.99
N ASP B 11 -10.29 -1.80 -22.27
CA ASP B 11 -10.53 -1.14 -20.98
C ASP B 11 -10.67 0.37 -21.13
N VAL B 12 -11.67 0.92 -20.44
CA VAL B 12 -11.85 2.37 -20.35
C VAL B 12 -11.55 2.77 -18.90
N ASN B 13 -10.36 3.32 -18.67
CA ASN B 13 -9.91 3.64 -17.30
C ASN B 13 -10.05 5.11 -17.00
N VAL B 14 -10.85 5.43 -15.97
CA VAL B 14 -11.10 6.81 -15.57
C VAL B 14 -10.35 7.09 -14.26
N VAL B 15 -9.29 7.91 -14.35
CA VAL B 15 -8.40 8.23 -13.22
C VAL B 15 -8.34 9.75 -13.00
N ASP B 16 -8.87 10.21 -11.87
CA ASP B 16 -8.94 11.65 -11.57
C ASP B 16 -9.80 12.43 -12.59
N GLY B 17 -10.76 11.74 -13.21
CA GLY B 17 -11.57 12.31 -14.29
C GLY B 17 -10.88 12.42 -15.64
N LYS B 18 -9.75 11.73 -15.79
CA LYS B 18 -9.02 11.64 -17.05
C LYS B 18 -9.32 10.25 -17.62
N ARG B 19 -9.68 10.22 -18.90
CA ARG B 19 -10.18 9.03 -19.58
C ARG B 19 -9.00 8.40 -20.33
N GLU B 20 -8.70 7.14 -20.03
CA GLU B 20 -7.60 6.39 -20.67
C GLU B 20 -8.13 5.08 -21.26
N ILE B 21 -7.65 4.74 -22.46
CA ILE B 21 -8.00 3.50 -23.15
C ILE B 21 -6.81 2.54 -23.06
N ALA B 22 -7.05 1.30 -22.63
CA ALA B 22 -5.98 0.30 -22.57
C ALA B 22 -6.44 -1.00 -23.19
N TYR B 23 -5.53 -1.68 -23.87
N TYR B 23 -5.49 -1.74 -23.76
CA TYR B 23 -5.84 -3.00 -24.44
CA TYR B 23 -5.75 -3.08 -24.33
C TYR B 23 -5.05 -4.02 -23.65
C TYR B 23 -4.82 -4.13 -23.73
N GLY B 24 -5.78 -4.85 -22.93
N GLY B 24 -4.04 -3.75 -22.73
CA GLY B 24 -5.16 -5.80 -22.03
CA GLY B 24 -3.00 -4.63 -22.20
C GLY B 24 -6.15 -6.88 -21.68
C GLY B 24 -3.39 -5.33 -20.91
N GLY B 25 -6.38 -7.04 -20.37
N GLY B 25 -4.65 -5.20 -20.52
CA GLY B 25 -7.04 -8.21 -19.81
CA GLY B 25 -5.14 -5.86 -19.33
C GLY B 25 -5.98 -8.94 -19.02
C GLY B 25 -5.62 -7.26 -19.62
N GLY B 26 -6.43 -9.80 -18.12
N GLY B 26 -6.46 -7.78 -18.75
CA GLY B 26 -5.52 -10.59 -17.29
CA GLY B 26 -6.99 -9.12 -18.88
C GLY B 26 -4.63 -11.55 -18.04
C GLY B 26 -5.91 -10.16 -19.05
N VAL B 27 -5.18 -12.16 -19.12
N VAL B 27 -6.20 -11.16 -19.86
CA VAL B 27 -4.36 -12.98 -20.00
CA VAL B 27 -5.32 -12.30 -19.99
C VAL B 27 -3.28 -12.18 -20.67
C VAL B 27 -3.90 -11.88 -20.39
N VAL B 28 -3.52 -10.90 -21.01
N VAL B 28 -3.78 -10.67 -20.93
CA VAL B 28 -2.41 -10.13 -21.56
CA VAL B 28 -2.52 -10.19 -21.51
C VAL B 28 -1.35 -9.92 -20.49
C VAL B 28 -1.41 -9.99 -20.48
N MET B 29 -1.75 -9.47 -19.31
CA MET B 29 -0.78 -9.23 -18.22
C MET B 29 0.00 -10.49 -17.84
N GLY B 30 -0.71 -11.59 -17.62
CA GLY B 30 -0.05 -12.83 -17.23
C GLY B 30 0.80 -13.45 -18.32
N ALA B 31 0.28 -13.50 -19.54
CA ALA B 31 0.96 -14.18 -20.65
C ALA B 31 2.21 -13.48 -21.10
N ILE B 32 2.19 -12.16 -21.12
CA ILE B 32 3.39 -11.39 -21.44
C ILE B 32 4.45 -11.64 -20.34
N THR B 33 4.04 -11.69 -19.06
CA THR B 33 5.00 -11.98 -17.97
C THR B 33 5.66 -13.35 -18.10
N SER B 34 4.88 -14.43 -18.25
CA SER B 34 5.47 -15.77 -18.38
C SER B 34 6.41 -15.87 -19.60
N SER B 35 5.99 -15.25 -20.68
CA SER B 35 6.76 -15.24 -21.92
C SER B 35 8.09 -14.55 -21.78
N LEU B 36 8.09 -13.35 -21.22
CA LEU B 36 9.34 -12.60 -21.06
C LEU B 36 10.28 -13.22 -20.04
N LEU B 37 9.72 -13.91 -19.04
CA LEU B 37 10.50 -14.63 -18.04
C LEU B 37 11.05 -16.00 -18.52
N GLY B 38 10.83 -16.37 -19.79
CA GLY B 38 11.42 -17.56 -20.39
C GLY B 38 10.59 -18.84 -20.57
N VAL B 39 9.28 -18.77 -20.37
CA VAL B 39 8.43 -19.95 -20.53
C VAL B 39 7.58 -19.73 -21.78
N LYS B 40 7.63 -20.70 -22.72
CA LYS B 40 6.83 -20.64 -23.95
C LYS B 40 5.37 -20.56 -23.54
N THR B 41 4.66 -19.58 -24.10
CA THR B 41 3.35 -19.20 -23.59
C THR B 41 2.31 -19.16 -24.71
N LYS B 42 1.14 -19.71 -24.41
CA LYS B 42 -0.01 -19.65 -25.30
C LYS B 42 -1.20 -19.00 -24.60
N VAL B 43 -1.99 -18.26 -25.38
CA VAL B 43 -3.27 -17.68 -24.97
C VAL B 43 -4.40 -18.18 -25.87
N ILE B 44 -5.52 -18.58 -25.25
CA ILE B 44 -6.76 -18.85 -25.96
C ILE B 44 -7.71 -17.77 -25.50
N THR B 45 -8.22 -17.00 -26.44
CA THR B 45 -9.10 -15.87 -26.09
C THR B 45 -10.19 -15.72 -27.12
N LYS B 46 -11.10 -14.75 -26.89
CA LYS B 46 -12.19 -14.43 -27.81
C LYS B 46 -12.37 -12.94 -27.91
N CYS B 47 -12.72 -12.48 -29.12
CA CYS B 47 -13.03 -11.07 -29.40
C CYS B 47 -13.57 -11.00 -30.83
N THR B 48 -14.00 -9.81 -31.26
CA THR B 48 -14.48 -9.64 -32.64
C THR B 48 -13.30 -9.73 -33.61
N ARG B 49 -13.57 -10.12 -34.86
CA ARG B 49 -12.48 -10.12 -35.85
C ARG B 49 -11.83 -8.73 -36.02
N GLU B 50 -12.60 -7.66 -35.89
CA GLU B 50 -12.08 -6.30 -36.05
C GLU B 50 -11.09 -5.94 -34.95
N ASP B 51 -11.36 -6.40 -33.73
CA ASP B 51 -10.57 -6.04 -32.56
C ASP B 51 -9.30 -6.86 -32.37
N VAL B 52 -9.11 -7.94 -33.14
CA VAL B 52 -7.89 -8.77 -33.01
C VAL B 52 -6.61 -7.92 -33.12
N SER B 53 -6.62 -6.93 -34.01
CA SER B 53 -5.42 -6.14 -34.27
C SER B 53 -5.08 -5.17 -33.13
N LYS B 54 -6.04 -4.88 -32.26
CA LYS B 54 -5.78 -4.09 -31.04
C LYS B 54 -4.95 -4.90 -30.03
N PHE B 55 -4.95 -6.23 -30.18
CA PHE B 55 -4.22 -7.14 -29.29
C PHE B 55 -3.07 -7.89 -29.96
N SER B 56 -2.72 -7.52 -31.20
CA SER B 56 -1.64 -8.19 -31.94
C SER B 56 -0.31 -8.16 -31.21
N PHE B 57 -0.08 -7.12 -30.41
CA PHE B 57 1.16 -6.97 -29.60
C PHE B 57 1.48 -8.14 -28.65
N LEU B 58 0.52 -8.99 -28.33
CA LEU B 58 0.84 -10.26 -27.65
C LEU B 58 1.93 -11.05 -28.37
N ARG B 59 1.77 -11.21 -29.68
CA ARG B 59 2.74 -11.97 -30.48
C ARG B 59 4.10 -11.29 -30.56
N ASP B 60 4.13 -9.97 -30.41
CA ASP B 60 5.40 -9.20 -30.36
C ASP B 60 6.22 -9.53 -29.13
N ASN B 61 5.57 -9.99 -28.06
CA ASN B 61 6.24 -10.51 -26.88
C ASN B 61 6.35 -12.05 -26.89
N GLY B 62 6.29 -12.66 -28.08
CA GLY B 62 6.51 -14.11 -28.25
C GLY B 62 5.39 -15.01 -27.76
N VAL B 63 4.21 -14.45 -27.50
CA VAL B 63 3.09 -15.23 -27.06
C VAL B 63 2.39 -15.80 -28.30
N GLU B 64 2.15 -17.12 -28.28
CA GLU B 64 1.25 -17.79 -29.22
C GLU B 64 -0.20 -17.46 -28.82
N VAL B 65 -1.03 -17.02 -29.77
CA VAL B 65 -2.43 -16.65 -29.46
C VAL B 65 -3.41 -17.21 -30.48
N VAL B 66 -4.49 -17.82 -29.98
CA VAL B 66 -5.63 -18.20 -30.79
C VAL B 66 -6.75 -17.25 -30.45
N PHE B 67 -7.20 -16.49 -31.45
CA PHE B 67 -8.31 -15.57 -31.31
C PHE B 67 -9.55 -16.27 -31.84
N LEU B 68 -10.44 -16.72 -30.96
CA LEU B 68 -11.71 -17.30 -31.39
C LEU B 68 -12.74 -16.18 -31.61
N LYS B 69 -13.56 -16.34 -32.64
CA LYS B 69 -14.51 -15.29 -33.03
C LYS B 69 -15.63 -15.18 -32.00
N SER B 70 -15.99 -13.94 -31.68
CA SER B 70 -17.13 -13.65 -30.79
C SER B 70 -17.86 -12.44 -31.38
N PRO B 71 -19.20 -12.36 -31.20
CA PRO B 71 -19.91 -11.21 -31.76
C PRO B 71 -19.56 -9.89 -31.09
N ARG B 72 -19.21 -9.94 -29.79
CA ARG B 72 -18.67 -8.79 -29.08
C ARG B 72 -17.28 -9.08 -28.52
N THR B 73 -16.58 -8.01 -28.19
CA THR B 73 -15.31 -8.05 -27.45
C THR B 73 -15.67 -7.62 -26.04
N THR B 74 -15.01 -8.19 -25.04
CA THR B 74 -15.25 -7.76 -23.68
C THR B 74 -14.69 -6.35 -23.55
N SER B 75 -15.43 -5.50 -22.84
CA SER B 75 -14.96 -4.15 -22.57
C SER B 75 -15.42 -3.75 -21.18
N ILE B 76 -14.52 -3.16 -20.42
CA ILE B 76 -14.74 -2.87 -19.01
C ILE B 76 -14.38 -1.41 -18.75
N GLU B 77 -15.25 -0.73 -18.00
CA GLU B 77 -14.97 0.62 -17.55
C GLU B 77 -14.55 0.59 -16.09
N ASN B 78 -13.33 1.04 -15.80
CA ASN B 78 -12.79 1.12 -14.44
C ASN B 78 -12.68 2.56 -13.97
N ARG B 79 -13.64 2.97 -13.14
CA ARG B 79 -13.68 4.32 -12.58
C ARG B 79 -13.03 4.27 -11.20
N TYR B 80 -11.91 4.99 -11.05
CA TYR B 80 -11.09 4.92 -9.83
C TYR B 80 -10.18 6.13 -9.71
N THR B 86 -15.09 5.67 -4.12
CA THR B 86 -15.09 6.08 -5.52
C THR B 86 -14.46 5.06 -6.49
N ARG B 87 -14.36 3.78 -6.09
CA ARG B 87 -13.86 2.69 -6.96
C ARG B 87 -15.01 1.81 -7.48
N GLU B 88 -15.11 1.67 -8.82
CA GLU B 88 -16.13 0.83 -9.44
C GLU B 88 -15.68 0.34 -10.82
N SER B 89 -16.16 -0.84 -11.20
CA SER B 89 -15.98 -1.38 -12.56
C SER B 89 -17.32 -1.82 -13.15
N PHE B 90 -17.45 -1.60 -14.46
CA PHE B 90 -18.65 -1.95 -15.22
C PHE B 90 -18.25 -2.75 -16.42
N LEU B 91 -19.07 -3.74 -16.75
CA LEU B 91 -18.91 -4.51 -17.95
C LEU B 91 -19.70 -3.83 -19.05
N ILE B 92 -19.00 -3.10 -19.92
CA ILE B 92 -19.62 -2.41 -21.07
C ILE B 92 -20.21 -3.42 -22.07
N SER B 93 -19.42 -4.43 -22.41
CA SER B 93 -19.83 -5.51 -23.31
C SER B 93 -19.06 -6.76 -22.93
N ALA B 94 -19.52 -7.92 -23.41
CA ALA B 94 -18.93 -9.19 -22.99
C ALA B 94 -18.81 -10.13 -24.17
N ALA B 95 -17.61 -10.63 -24.43
CA ALA B 95 -17.43 -11.67 -25.42
C ALA B 95 -18.13 -12.96 -24.97
N ASP B 96 -18.28 -13.90 -25.89
CA ASP B 96 -18.91 -15.18 -25.57
C ASP B 96 -18.10 -15.94 -24.52
N PRO B 97 -18.79 -16.67 -23.62
CA PRO B 97 -18.12 -17.58 -22.70
C PRO B 97 -17.32 -18.67 -23.42
N PHE B 98 -16.31 -19.18 -22.72
CA PHE B 98 -15.55 -20.34 -23.21
C PHE B 98 -16.41 -21.61 -23.16
N THR B 99 -16.13 -22.54 -24.07
CA THR B 99 -16.80 -23.84 -24.18
C THR B 99 -15.77 -24.99 -24.16
N GLU B 100 -16.24 -26.23 -24.07
CA GLU B 100 -15.32 -27.39 -24.13
C GLU B 100 -14.45 -27.39 -25.38
N SER B 101 -15.04 -27.05 -26.53
CA SER B 101 -14.30 -27.03 -27.80
C SER B 101 -13.14 -26.04 -27.81
N ASP B 102 -13.26 -24.96 -27.04
CA ASP B 102 -12.18 -23.99 -26.88
C ASP B 102 -10.93 -24.57 -26.19
N LEU B 103 -11.14 -25.60 -25.37
CA LEU B 103 -10.05 -26.26 -24.65
C LEU B 103 -9.19 -27.15 -25.53
N ALA B 104 -9.63 -27.42 -26.76
CA ALA B 104 -8.82 -28.21 -27.69
C ALA B 104 -7.47 -27.58 -28.01
N PHE B 105 -7.36 -26.25 -27.83
CA PHE B 105 -6.14 -25.54 -28.17
C PHE B 105 -5.12 -25.48 -27.04
N ILE B 106 -5.40 -26.09 -25.89
CA ILE B 106 -4.42 -26.04 -24.79
C ILE B 106 -3.12 -26.76 -25.16
N GLU B 107 -2.02 -26.21 -24.67
CA GLU B 107 -0.70 -26.81 -24.86
C GLU B 107 0.08 -26.68 -23.56
N GLY B 108 0.83 -27.72 -23.25
CA GLY B 108 1.74 -27.72 -22.10
C GLY B 108 1.17 -28.26 -20.79
N GLU B 109 1.99 -28.17 -19.76
CA GLU B 109 1.77 -28.82 -18.47
C GLU B 109 1.04 -27.96 -17.43
N ALA B 110 0.85 -26.67 -17.71
CA ALA B 110 0.17 -25.74 -16.82
C ALA B 110 -0.90 -24.96 -17.60
N VAL B 111 -2.06 -24.78 -16.98
CA VAL B 111 -3.08 -23.87 -17.50
C VAL B 111 -3.52 -22.98 -16.37
N HIS B 112 -3.60 -21.68 -16.68
CA HIS B 112 -4.16 -20.70 -15.80
C HIS B 112 -5.45 -20.15 -16.40
N ILE B 113 -6.53 -20.35 -15.65
CA ILE B 113 -7.86 -19.84 -15.97
C ILE B 113 -7.86 -18.42 -15.46
N ASN B 114 -8.04 -17.45 -16.35
CA ASN B 114 -7.79 -16.04 -16.04
C ASN B 114 -8.96 -15.19 -16.51
N PRO B 115 -10.15 -15.37 -15.90
CA PRO B 115 -11.35 -14.70 -16.42
C PRO B 115 -11.61 -13.37 -15.75
N LEU B 116 -12.39 -12.53 -16.42
CA LEU B 116 -12.67 -11.18 -15.96
C LEU B 116 -14.03 -11.05 -15.29
N TRP B 117 -14.93 -12.01 -15.51
CA TRP B 117 -16.29 -11.93 -14.98
C TRP B 117 -16.86 -13.33 -14.82
N TYR B 118 -17.68 -13.54 -13.78
CA TYR B 118 -18.24 -14.86 -13.50
C TYR B 118 -19.22 -15.26 -14.60
N GLY B 119 -18.88 -16.35 -15.29
CA GLY B 119 -19.64 -16.82 -16.43
C GLY B 119 -18.79 -16.89 -17.67
N GLU B 120 -17.73 -16.08 -17.72
CA GLU B 120 -16.74 -16.14 -18.81
C GLU B 120 -16.18 -17.53 -19.00
N PHE B 121 -15.75 -18.16 -17.91
CA PHE B 121 -15.24 -19.51 -17.93
C PHE B 121 -16.17 -20.37 -17.08
N PRO B 122 -17.07 -21.13 -17.71
CA PRO B 122 -18.00 -21.94 -16.90
C PRO B 122 -17.26 -22.91 -15.95
N GLU B 123 -17.63 -22.87 -14.67
CA GLU B 123 -17.01 -23.74 -13.65
C GLU B 123 -17.01 -25.24 -13.99
N ASP B 124 -17.96 -25.71 -14.80
CA ASP B 124 -18.00 -27.14 -15.19
C ASP B 124 -16.89 -27.57 -16.16
N LEU B 125 -16.18 -26.60 -16.75
CA LEU B 125 -14.98 -26.90 -17.53
C LEU B 125 -13.75 -27.18 -16.67
N ILE B 126 -13.81 -26.86 -15.38
CA ILE B 126 -12.68 -27.06 -14.47
C ILE B 126 -12.21 -28.53 -14.42
N PRO B 127 -13.13 -29.48 -14.15
CA PRO B 127 -12.68 -30.88 -14.14
C PRO B 127 -12.28 -31.41 -15.51
N VAL B 128 -12.77 -30.80 -16.59
CA VAL B 128 -12.36 -31.19 -17.94
C VAL B 128 -10.88 -30.87 -18.12
N LEU B 129 -10.51 -29.62 -17.83
CA LEU B 129 -9.10 -29.21 -17.88
C LEU B 129 -8.22 -30.02 -16.94
N ARG B 130 -8.71 -30.27 -15.73
CA ARG B 130 -7.97 -31.05 -14.73
C ARG B 130 -7.40 -32.31 -15.34
N ARG B 131 -8.22 -33.04 -16.10
CA ARG B 131 -7.80 -34.30 -16.75
C ARG B 131 -6.74 -34.13 -17.84
N LYS B 132 -6.64 -32.93 -18.41
CA LYS B 132 -5.70 -32.66 -19.50
C LYS B 132 -4.39 -32.00 -19.07
N VAL B 133 -4.25 -31.60 -17.79
CA VAL B 133 -3.06 -30.85 -17.36
C VAL B 133 -2.56 -31.23 -15.98
N MET B 134 -1.25 -31.07 -15.78
CA MET B 134 -0.60 -31.38 -14.52
C MET B 134 -0.67 -30.28 -13.46
N PHE B 135 -0.69 -29.02 -13.88
CA PHE B 135 -0.81 -27.90 -12.95
C PHE B 135 -1.95 -26.99 -13.41
N LEU B 136 -2.93 -26.82 -12.55
CA LEU B 136 -4.10 -26.02 -12.89
C LEU B 136 -4.27 -24.93 -11.86
N SER B 137 -4.41 -23.69 -12.32
CA SER B 137 -4.63 -22.58 -11.44
C SER B 137 -5.75 -21.72 -11.95
N ALA B 138 -6.30 -20.92 -11.06
CA ALA B 138 -7.34 -19.97 -11.47
C ALA B 138 -7.28 -18.71 -10.64
N ASP B 139 -7.89 -17.66 -11.19
CA ASP B 139 -8.00 -16.36 -10.53
C ASP B 139 -9.44 -16.22 -10.02
N ALA B 140 -9.58 -15.89 -8.74
CA ALA B 140 -10.90 -15.77 -8.10
C ALA B 140 -11.79 -14.73 -8.78
N GLN B 141 -11.18 -13.70 -9.36
CA GLN B 141 -11.92 -12.70 -10.15
C GLN B 141 -12.97 -13.30 -11.06
N GLY B 142 -12.63 -14.40 -11.71
CA GLY B 142 -13.51 -15.06 -12.65
C GLY B 142 -14.66 -15.84 -12.05
N PHE B 143 -14.71 -15.94 -10.72
CA PHE B 143 -15.77 -16.66 -10.03
C PHE B 143 -16.49 -15.89 -8.93
N VAL B 144 -15.99 -14.72 -8.56
CA VAL B 144 -16.69 -13.87 -7.59
C VAL B 144 -17.08 -12.50 -8.12
N ARG B 145 -16.53 -12.08 -9.26
CA ARG B 145 -16.94 -10.81 -9.88
C ARG B 145 -18.07 -11.07 -10.89
N VAL B 146 -19.30 -10.76 -10.49
CA VAL B 146 -20.49 -11.12 -11.23
C VAL B 146 -21.04 -9.84 -11.89
N PRO B 147 -21.39 -9.90 -13.19
CA PRO B 147 -22.16 -8.78 -13.77
C PRO B 147 -23.61 -8.83 -13.30
N GLU B 148 -24.06 -7.74 -12.69
CA GLU B 148 -25.45 -7.58 -12.27
C GLU B 148 -25.89 -6.26 -12.87
N ASN B 149 -26.76 -6.33 -13.87
CA ASN B 149 -27.18 -5.15 -14.61
C ASN B 149 -25.97 -4.26 -14.96
N GLU B 150 -24.96 -4.90 -15.57
CA GLU B 150 -23.71 -4.26 -16.04
C GLU B 150 -22.67 -3.87 -14.98
N LYS B 151 -23.05 -3.78 -13.69
CA LYS B 151 -22.12 -3.44 -12.63
C LYS B 151 -21.40 -4.72 -12.19
N LEU B 152 -20.07 -4.65 -12.13
CA LEU B 152 -19.27 -5.78 -11.68
C LEU B 152 -19.24 -5.80 -10.15
N VAL B 153 -20.08 -6.67 -9.57
CA VAL B 153 -20.24 -6.79 -8.10
C VAL B 153 -19.56 -8.07 -7.61
N TYR B 154 -19.31 -8.13 -6.31
CA TYR B 154 -18.66 -9.28 -5.69
C TYR B 154 -19.69 -10.20 -5.00
N ARG B 155 -19.70 -11.47 -5.41
CA ARG B 155 -20.62 -12.48 -4.88
C ARG B 155 -19.86 -13.77 -4.61
N ASP B 156 -20.27 -14.48 -3.57
CA ASP B 156 -19.62 -15.72 -3.22
C ASP B 156 -19.77 -16.73 -4.36
N TRP B 157 -18.73 -17.56 -4.52
CA TRP B 157 -18.76 -18.64 -5.48
C TRP B 157 -19.44 -19.83 -4.82
N GLU B 158 -20.67 -20.12 -5.24
CA GLU B 158 -21.52 -21.08 -4.52
C GLU B 158 -21.00 -22.52 -4.57
N MET B 159 -20.40 -22.91 -5.71
CA MET B 159 -19.83 -24.23 -5.87
C MET B 159 -18.31 -24.25 -5.61
N LYS B 160 -17.80 -23.27 -4.85
CA LYS B 160 -16.38 -23.21 -4.47
C LYS B 160 -15.82 -24.49 -3.82
N GLU B 161 -16.60 -25.08 -2.91
CA GLU B 161 -16.19 -26.28 -2.21
C GLU B 161 -16.19 -27.50 -3.16
N LYS B 162 -16.92 -27.45 -4.28
CA LYS B 162 -16.84 -28.50 -5.31
C LYS B 162 -15.61 -28.36 -6.21
N TYR B 163 -15.27 -27.12 -6.54
CA TYR B 163 -14.34 -26.86 -7.64
C TYR B 163 -12.90 -26.47 -7.21
N LEU B 164 -12.74 -25.88 -6.02
CA LEU B 164 -11.41 -25.53 -5.52
C LEU B 164 -10.48 -26.71 -5.33
N LYS B 165 -11.08 -27.86 -5.05
CA LYS B 165 -10.33 -29.13 -4.93
C LYS B 165 -9.53 -29.50 -6.19
N TYR B 166 -9.98 -29.03 -7.35
CA TYR B 166 -9.26 -29.28 -8.62
C TYR B 166 -8.07 -28.35 -8.88
N LEU B 167 -7.83 -27.35 -8.01
CA LEU B 167 -6.85 -26.32 -8.30
C LEU B 167 -5.57 -26.48 -7.49
N ASP B 168 -4.46 -26.46 -8.22
CA ASP B 168 -3.13 -26.46 -7.60
C ASP B 168 -2.79 -25.10 -7.02
N LEU B 169 -3.37 -24.03 -7.59
CA LEU B 169 -3.15 -22.68 -7.11
C LEU B 169 -4.37 -21.82 -7.36
N PHE B 170 -4.69 -20.98 -6.38
CA PHE B 170 -5.81 -20.09 -6.49
C PHE B 170 -5.39 -18.69 -6.08
N LYS B 171 -5.63 -17.72 -6.97
CA LYS B 171 -5.22 -16.34 -6.78
C LYS B 171 -6.42 -15.50 -6.26
N VAL B 172 -6.20 -14.74 -5.19
CA VAL B 172 -7.19 -13.81 -4.64
C VAL B 172 -6.54 -12.44 -4.45
N ASP B 173 -7.37 -11.42 -4.34
CA ASP B 173 -6.99 -10.18 -3.66
C ASP B 173 -7.90 -10.03 -2.42
N SER B 174 -7.70 -8.96 -1.67
CA SER B 174 -8.46 -8.71 -0.43
C SER B 174 -9.99 -8.75 -0.59
N ARG B 175 -10.49 -8.07 -1.63
CA ARG B 175 -11.92 -8.01 -1.94
C ARG B 175 -12.50 -9.41 -2.20
N GLU B 176 -11.80 -10.17 -3.02
CA GLU B 176 -12.24 -11.51 -3.39
C GLU B 176 -12.18 -12.46 -2.17
N ALA B 177 -11.10 -12.38 -1.41
CA ALA B 177 -10.92 -13.20 -0.21
C ALA B 177 -12.05 -13.00 0.83
N GLU B 178 -12.42 -11.74 1.10
CA GLU B 178 -13.53 -11.44 2.02
C GLU B 178 -14.84 -12.08 1.55
N THR B 179 -15.17 -11.87 0.27
CA THR B 179 -16.39 -12.40 -0.35
C THR B 179 -16.50 -13.91 -0.20
N LEU B 180 -15.37 -14.60 -0.34
CA LEU B 180 -15.29 -16.05 -0.20
C LEU B 180 -15.34 -16.61 1.24
N THR B 181 -15.02 -15.80 2.24
CA THR B 181 -14.80 -16.31 3.59
C THR B 181 -15.58 -15.69 4.75
N GLY B 182 -16.20 -14.53 4.54
CA GLY B 182 -16.94 -13.84 5.60
C GLY B 182 -16.11 -13.19 6.71
N THR B 183 -14.82 -12.96 6.46
CA THR B 183 -13.95 -12.27 7.43
C THR B 183 -12.97 -11.37 6.71
N ASN B 184 -12.68 -10.22 7.32
CA ASN B 184 -11.74 -9.22 6.75
C ASN B 184 -10.25 -9.49 7.08
N ASP B 185 -9.99 -10.51 7.90
CA ASP B 185 -8.63 -10.97 8.19
C ASP B 185 -8.07 -11.80 7.01
N LEU B 186 -7.08 -11.23 6.30
CA LEU B 186 -6.56 -11.81 5.05
C LEU B 186 -5.88 -13.17 5.22
N ARG B 187 -5.09 -13.34 6.30
CA ARG B 187 -4.39 -14.62 6.55
C ARG B 187 -5.39 -15.72 6.90
N GLU B 188 -6.36 -15.40 7.75
CA GLU B 188 -7.43 -16.35 8.07
C GLU B 188 -8.23 -16.72 6.82
N SER B 189 -8.55 -15.72 5.99
CA SER B 189 -9.16 -15.98 4.67
C SER B 189 -8.35 -17.01 3.86
N CYS B 190 -7.02 -16.87 3.86
CA CYS B 190 -6.15 -17.84 3.19
C CYS B 190 -6.28 -19.26 3.75
N ARG B 191 -6.31 -19.40 5.09
CA ARG B 191 -6.51 -20.69 5.75
C ARG B 191 -7.85 -21.32 5.39
N ILE B 192 -8.90 -20.50 5.43
CA ILE B 192 -10.25 -20.93 5.07
C ILE B 192 -10.32 -21.41 3.62
N ILE B 193 -9.73 -20.66 2.70
CA ILE B 193 -9.82 -21.01 1.28
C ILE B 193 -9.05 -22.31 0.97
N ARG B 194 -7.88 -22.48 1.58
CA ARG B 194 -7.14 -23.75 1.44
C ARG B 194 -7.95 -24.93 2.03
N SER B 195 -8.66 -24.69 3.13
CA SER B 195 -9.54 -25.70 3.70
C SER B 195 -10.62 -26.14 2.70
N PHE B 196 -11.08 -25.23 1.84
CA PHE B 196 -12.03 -25.59 0.78
C PHE B 196 -11.40 -26.50 -0.30
N GLY B 197 -10.07 -26.54 -0.36
CA GLY B 197 -9.37 -27.60 -1.11
C GLY B 197 -8.32 -27.20 -2.14
N ALA B 198 -8.17 -25.90 -2.40
CA ALA B 198 -7.09 -25.46 -3.29
C ALA B 198 -5.75 -25.61 -2.57
N LYS B 199 -4.75 -26.16 -3.28
CA LYS B 199 -3.47 -26.52 -2.63
C LYS B 199 -2.64 -25.29 -2.16
N ILE B 200 -2.58 -24.25 -3.01
CA ILE B 200 -1.81 -23.03 -2.73
C ILE B 200 -2.73 -21.82 -2.94
N ILE B 201 -2.69 -20.87 -2.02
CA ILE B 201 -3.44 -19.63 -2.13
C ILE B 201 -2.43 -18.52 -2.29
N LEU B 202 -2.55 -17.73 -3.36
CA LEU B 202 -1.69 -16.58 -3.58
C LEU B 202 -2.56 -15.35 -3.47
N ALA B 203 -2.21 -14.48 -2.51
CA ALA B 203 -3.01 -13.31 -2.20
C ALA B 203 -2.14 -12.09 -2.35
N THR B 204 -2.56 -11.16 -3.19
CA THR B 204 -1.86 -9.88 -3.34
C THR B 204 -2.61 -8.79 -2.55
N HIS B 205 -1.84 -7.85 -2.01
CA HIS B 205 -2.34 -6.60 -1.39
C HIS B 205 -1.31 -5.52 -1.70
N ALA B 206 -1.58 -4.28 -1.32
CA ALA B 206 -0.78 -3.11 -1.76
C ALA B 206 0.74 -3.27 -1.62
N SER B 207 1.18 -3.77 -0.45
CA SER B 207 2.61 -3.80 -0.08
C SER B 207 3.35 -5.07 -0.48
N GLY B 208 2.62 -6.16 -0.74
CA GLY B 208 3.27 -7.42 -1.07
C GLY B 208 2.36 -8.57 -1.44
N VAL B 209 2.96 -9.76 -1.47
CA VAL B 209 2.26 -11.01 -1.74
C VAL B 209 2.34 -11.94 -0.51
N ILE B 210 1.22 -12.62 -0.21
CA ILE B 210 1.14 -13.67 0.80
C ILE B 210 0.87 -14.94 0.01
N VAL B 211 1.72 -15.94 0.20
CA VAL B 211 1.47 -17.28 -0.32
C VAL B 211 1.18 -18.23 0.86
N PHE B 212 0.09 -19.01 0.76
CA PHE B 212 -0.27 -19.98 1.81
C PHE B 212 -0.49 -21.39 1.26
N ASP B 213 0.27 -22.36 1.79
CA ASP B 213 0.13 -23.79 1.45
C ASP B 213 -0.01 -24.70 2.68
N GLY B 214 -0.43 -24.13 3.80
CA GLY B 214 -0.36 -24.77 5.11
C GLY B 214 0.57 -24.00 6.05
N ASN B 215 1.58 -23.36 5.42
CA ASN B 215 2.39 -22.32 6.05
C ASN B 215 2.41 -21.07 5.18
N PHE B 216 2.66 -19.93 5.81
CA PHE B 216 2.71 -18.64 5.14
C PHE B 216 4.10 -18.30 4.63
N TYR B 217 4.16 -17.74 3.42
CA TYR B 217 5.35 -17.09 2.86
C TYR B 217 4.95 -15.70 2.41
N GLU B 218 5.72 -14.69 2.80
CA GLU B 218 5.42 -13.31 2.48
C GLU B 218 6.61 -12.66 1.75
N ALA B 219 6.31 -11.70 0.89
CA ALA B 219 7.34 -10.89 0.27
C ALA B 219 6.75 -9.55 -0.09
N SER B 220 7.50 -8.49 0.16
CA SER B 220 7.04 -7.13 -0.10
C SER B 220 7.44 -6.74 -1.53
N PHE B 221 6.61 -5.90 -2.17
CA PHE B 221 7.01 -5.26 -3.42
C PHE B 221 7.97 -4.09 -3.10
N ARG B 222 8.86 -3.77 -4.04
CA ARG B 222 9.82 -2.67 -3.90
C ARG B 222 9.14 -1.29 -4.00
N SER B 223 8.25 -1.15 -4.97
CA SER B 223 7.51 0.10 -5.17
C SER B 223 6.32 -0.09 -6.09
N TRP B 224 5.44 0.91 -6.12
CA TRP B 224 4.39 0.99 -7.14
C TRP B 224 3.88 2.41 -7.35
N SER B 225 3.34 2.63 -8.55
CA SER B 225 2.63 3.85 -8.97
C SER B 225 1.15 3.53 -9.24
N LEU B 226 0.26 4.52 -9.14
CA LEU B 226 -1.21 4.34 -9.35
C LEU B 226 -1.51 3.74 -10.69
N GLU B 227 -0.92 4.34 -11.73
CA GLU B 227 -1.01 3.79 -13.09
C GLU B 227 -0.47 2.36 -13.19
N GLY B 228 0.58 2.05 -12.41
CA GLY B 228 1.20 0.72 -12.44
C GLY B 228 0.51 -0.41 -11.73
N ARG B 229 -0.55 -0.11 -10.96
CA ARG B 229 -1.20 -1.09 -10.08
C ARG B 229 -2.02 -2.14 -10.85
N THR B 230 -2.83 -1.69 -11.80
CA THR B 230 -3.63 -2.63 -12.58
C THR B 230 -2.77 -3.69 -13.29
N GLY B 231 -3.18 -4.96 -13.16
CA GLY B 231 -2.41 -6.08 -13.66
C GLY B 231 -1.35 -6.62 -12.73
N ARG B 232 -1.26 -6.05 -11.52
CA ARG B 232 -0.33 -6.51 -10.49
C ARG B 232 -0.55 -7.99 -10.20
N GLY B 233 -1.79 -8.33 -9.94
CA GLY B 233 -2.13 -9.70 -9.53
C GLY B 233 -1.79 -10.72 -10.61
N ASP B 234 -2.15 -10.38 -11.86
CA ASP B 234 -1.89 -11.27 -12.98
C ASP B 234 -0.41 -11.46 -13.26
N THR B 235 0.34 -10.37 -13.13
CA THR B 235 1.80 -10.42 -13.26
C THR B 235 2.40 -11.27 -12.15
N CYS B 236 1.93 -11.04 -10.92
CA CYS B 236 2.44 -11.76 -9.77
C CYS B 236 2.13 -13.26 -9.87
N THR B 237 0.90 -13.57 -10.24
CA THR B 237 0.50 -14.97 -10.45
C THR B 237 1.39 -15.66 -11.50
N ALA B 238 1.53 -15.04 -12.67
CA ALA B 238 2.34 -15.62 -13.72
C ALA B 238 3.80 -15.81 -13.30
N ALA B 239 4.36 -14.82 -12.62
CA ALA B 239 5.73 -14.92 -12.14
C ALA B 239 5.89 -16.05 -11.14
N PHE B 240 4.90 -16.19 -10.26
CA PHE B 240 4.93 -17.29 -9.29
C PHE B 240 4.88 -18.65 -9.97
N LEU B 241 3.98 -18.79 -10.95
CA LEU B 241 3.87 -20.02 -11.75
C LEU B 241 5.17 -20.33 -12.47
N VAL B 242 5.78 -19.32 -13.11
CA VAL B 242 7.09 -19.52 -13.75
C VAL B 242 8.12 -20.01 -12.71
N GLY B 243 8.20 -19.33 -11.58
CA GLY B 243 9.21 -19.67 -10.56
C GLY B 243 9.02 -21.04 -9.96
N PHE B 244 7.80 -21.31 -9.50
CA PHE B 244 7.49 -22.51 -8.78
C PHE B 244 7.29 -23.73 -9.69
N VAL B 245 6.52 -23.58 -10.76
CA VAL B 245 6.14 -24.72 -11.60
C VAL B 245 7.25 -25.07 -12.59
N PHE B 246 7.80 -24.05 -13.25
CA PHE B 246 8.76 -24.30 -14.33
C PHE B 246 10.21 -24.20 -13.88
N LYS B 247 10.56 -23.17 -13.12
CA LYS B 247 11.96 -23.04 -12.63
C LYS B 247 12.24 -23.88 -11.38
N LYS B 248 11.20 -24.46 -10.79
CA LYS B 248 11.32 -25.41 -9.68
C LYS B 248 12.00 -24.80 -8.45
N MET B 249 11.79 -23.50 -8.25
CA MET B 249 12.22 -22.80 -7.07
C MET B 249 11.39 -23.29 -5.89
N SER B 250 11.98 -23.28 -4.70
CA SER B 250 11.20 -23.53 -3.47
C SER B 250 10.08 -22.48 -3.40
N ILE B 251 8.99 -22.83 -2.71
CA ILE B 251 7.85 -21.93 -2.55
C ILE B 251 8.25 -20.58 -1.92
N GLU B 252 9.13 -20.61 -0.91
CA GLU B 252 9.70 -19.39 -0.34
C GLU B 252 10.35 -18.50 -1.42
N LYS B 253 11.17 -19.13 -2.27
CA LYS B 253 11.92 -18.43 -3.34
C LYS B 253 11.01 -17.93 -4.47
N ALA B 254 10.07 -18.78 -4.89
CA ALA B 254 9.07 -18.40 -5.89
C ALA B 254 8.25 -17.21 -5.43
N THR B 255 7.93 -17.16 -4.12
CA THR B 255 7.20 -16.02 -3.55
C THR B 255 8.04 -14.73 -3.68
N LYS B 256 9.32 -14.82 -3.31
CA LYS B 256 10.27 -13.69 -3.45
C LYS B 256 10.39 -13.21 -4.91
N PHE B 257 10.54 -14.18 -5.83
CA PHE B 257 10.68 -13.94 -7.26
C PHE B 257 9.44 -13.27 -7.85
N ALA B 258 8.29 -13.85 -7.53
CA ALA B 258 7.00 -13.28 -7.91
C ALA B 258 6.87 -11.81 -7.49
N ALA B 259 7.24 -11.52 -6.24
CA ALA B 259 7.25 -10.14 -5.72
C ALA B 259 8.23 -9.23 -6.48
N ALA B 260 9.39 -9.77 -6.82
CA ALA B 260 10.43 -9.03 -7.53
C ALA B 260 10.01 -8.62 -8.95
N VAL B 261 9.42 -9.56 -9.67
CA VAL B 261 8.96 -9.30 -11.06
C VAL B 261 7.81 -8.27 -11.07
N THR B 262 6.85 -8.46 -10.16
CA THR B 262 5.68 -7.59 -10.06
C THR B 262 6.12 -6.15 -9.79
N SER B 263 7.05 -5.98 -8.85
CA SER B 263 7.66 -4.69 -8.52
C SER B 263 8.11 -3.87 -9.73
N VAL B 264 8.85 -4.50 -10.63
CA VAL B 264 9.39 -3.81 -11.78
C VAL B 264 8.31 -3.46 -12.82
N LYS B 265 7.32 -4.34 -12.98
CA LYS B 265 6.13 -4.03 -13.80
C LYS B 265 5.34 -2.84 -13.24
N MET B 266 5.27 -2.70 -11.91
CA MET B 266 4.41 -1.70 -11.29
C MET B 266 4.96 -0.26 -11.35
N ARG B 267 6.15 -0.10 -11.92
CA ARG B 267 6.72 1.24 -12.16
C ARG B 267 6.11 1.94 -13.37
N HIS B 268 5.20 1.29 -14.10
CA HIS B 268 4.59 1.89 -15.30
C HIS B 268 3.25 1.23 -15.63
N PRO B 269 2.40 1.92 -16.45
CA PRO B 269 1.16 1.26 -16.90
C PRO B 269 1.42 0.07 -17.82
N GLY B 270 0.45 -0.81 -17.96
CA GLY B 270 0.53 -1.90 -18.92
C GLY B 270 1.39 -3.07 -18.46
N PRO B 271 1.55 -4.07 -19.35
CA PRO B 271 2.23 -5.32 -18.97
C PRO B 271 3.73 -5.15 -18.75
N LEU B 272 4.32 -6.17 -18.15
CA LEU B 272 5.78 -6.27 -18.00
C LEU B 272 6.48 -6.01 -19.34
N ARG B 273 7.60 -5.30 -19.30
CA ARG B 273 8.36 -4.91 -20.49
C ARG B 273 9.73 -5.58 -20.52
N ARG B 274 10.25 -5.86 -21.71
CA ARG B 274 11.60 -6.45 -21.90
C ARG B 274 12.66 -5.71 -21.08
N GLU B 275 12.63 -4.38 -21.16
CA GLU B 275 13.53 -3.53 -20.35
C GLU B 275 13.30 -3.53 -18.81
N ASP B 276 12.30 -4.25 -18.31
CA ASP B 276 12.07 -4.42 -16.88
C ASP B 276 12.97 -5.51 -16.29
N LEU B 277 13.31 -6.52 -17.09
CA LEU B 277 14.01 -7.73 -16.61
C LEU B 277 15.34 -7.40 -15.87
N GLU B 278 16.08 -6.42 -16.37
CA GLU B 278 17.34 -5.96 -15.76
C GLU B 278 17.22 -5.41 -14.33
N ALA B 279 16.06 -4.84 -13.98
CA ALA B 279 15.85 -4.24 -12.65
C ALA B 279 15.27 -5.18 -11.56
N ILE B 280 15.04 -6.46 -11.89
CA ILE B 280 14.46 -7.44 -10.97
C ILE B 280 15.37 -7.70 -9.77
C1 INS C . 9.94 7.26 12.37
C2 INS C . 9.94 6.21 13.48
C3 INS C . 11.29 5.52 13.50
C4 INS C . 12.41 6.54 13.75
C5 INS C . 12.39 7.65 12.68
C6 INS C . 11.03 8.32 12.53
O1 INS C . 8.67 7.93 12.33
O2 INS C . 9.66 6.77 14.77
O3 INS C . 11.33 4.51 14.52
O4 INS C . 13.67 5.88 13.76
O5 INS C . 13.32 8.67 13.04
O6 INS C . 11.05 9.25 11.44
O3 MDN D . 7.38 7.09 10.10
P1 MDN D . 5.89 7.54 10.47
O1 MDN D . 5.60 8.89 9.92
O2 MDN D . 5.69 7.56 12.07
C4 MDN D . 4.84 6.30 9.66
P5 MDN D . 3.07 6.36 10.08
O6 MDN D . 2.26 6.69 8.89
O7 MDN D . 2.76 4.82 10.50
O8 MDN D . 2.71 7.31 11.31
MG MG E . 3.87 7.77 12.92
C1 INS F . -7.90 -5.96 -14.28
C2 INS F . -9.34 -5.73 -13.80
C3 INS F . -10.02 -4.68 -14.66
C4 INS F . -10.00 -5.09 -16.13
C5 INS F . -8.58 -5.31 -16.61
C6 INS F . -7.84 -6.34 -15.76
O1 INS F . -7.30 -6.97 -13.47
O2 INS F . -10.11 -6.94 -13.79
O3 INS F . -11.36 -4.47 -14.18
O4 INS F . -10.61 -4.07 -16.91
O5 INS F . -8.58 -5.75 -17.97
O6 INS F . -6.49 -6.47 -16.21
S SO4 G . -4.74 -7.56 -8.03
O1 SO4 G . -4.58 -6.81 -9.31
O2 SO4 G . -5.35 -8.89 -8.28
O3 SO4 G . -3.38 -7.70 -7.43
O4 SO4 G . -5.60 -6.79 -7.11
#